data_4E13
#
_entry.id   4E13
#
_cell.length_a   100.750
_cell.length_b   100.750
_cell.length_c   132.090
_cell.angle_alpha   90.00
_cell.angle_beta   90.00
_cell.angle_gamma   120.00
#
_symmetry.space_group_name_H-M   'P 62 2 2'
#
loop_
_entity.id
_entity.type
_entity.pdbx_description
1 polymer Diketoreductase
2 non-polymer NICOTINAMIDE-ADENINE-DINUCLEOTIDE
3 non-polymer GLYCEROL
4 non-polymer 'PENTAETHYLENE GLYCOL'
5 non-polymer 'SULFATE ION'
6 water water
#
_entity_poly.entity_id   1
_entity_poly.type   'polypeptide(L)'
_entity_poly.pdbx_seq_one_letter_code
;MTGITNVTVLGTGVLGSQIAFQTAFHGFAVTAYDINTDALDAAKKRFEGLAAVYEKEVAGAADGAAQKALGGIRYSDDLA
QAVKDADLVIEAVPESLDLKRDIYTKLGELAPAKTIFATNSSTLLPSDLVGYTGRGDKFLALHFANHVWVNNTAEVMGTT
KTDPEVYQQVVEFASAIGMVPIELKKEKAGYVLNSLLVPLLDAAAELLVDGIADPETIDKTWRIGTGAPKGPFEIFDIVG
LTTAYNISSVSGPKQREFAAYLKENYIDKGKLGLATGEGFYRY
;
_entity_poly.pdbx_strand_id   A
#
# COMPACT_ATOMS: atom_id res chain seq x y z
N MET A 1 -26.48 10.78 11.69
CA MET A 1 -26.73 11.51 10.42
C MET A 1 -25.64 11.29 9.37
N THR A 2 -24.44 11.79 9.64
CA THR A 2 -23.36 11.73 8.65
C THR A 2 -22.39 10.58 8.93
N GLY A 3 -21.59 10.27 7.92
CA GLY A 3 -20.62 9.20 8.06
C GLY A 3 -19.19 9.64 8.24
N ILE A 4 -18.27 8.93 7.58
CA ILE A 4 -16.84 9.16 7.75
C ILE A 4 -16.43 10.60 7.42
N THR A 5 -15.83 11.27 8.41
CA THR A 5 -15.34 12.64 8.23
C THR A 5 -13.91 12.76 8.75
N ASN A 6 -13.70 12.24 9.95
CA ASN A 6 -12.39 12.32 10.59
C ASN A 6 -11.67 11.01 10.35
N VAL A 7 -10.51 11.10 9.72
CA VAL A 7 -9.71 9.92 9.44
C VAL A 7 -8.34 10.11 10.06
N THR A 8 -7.91 9.10 10.78
CA THR A 8 -6.57 9.09 11.34
C THR A 8 -5.79 7.98 10.67
N VAL A 9 -4.58 8.29 10.23
CA VAL A 9 -3.72 7.30 9.61
C VAL A 9 -2.56 7.00 10.57
N LEU A 10 -2.32 5.70 10.83
CA LEU A 10 -1.27 5.29 11.76
C LEU A 10 -0.01 4.97 10.98
N GLY A 11 0.98 5.83 11.10
CA GLY A 11 2.16 5.65 10.28
C GLY A 11 2.18 6.64 9.14
N THR A 12 3.34 7.23 8.90
CA THR A 12 3.47 8.28 7.90
C THR A 12 4.60 7.92 6.98
N GLY A 13 4.83 6.62 6.83
CA GLY A 13 5.86 6.15 5.92
C GLY A 13 5.45 6.25 4.46
N VAL A 14 6.02 5.37 3.65
CA VAL A 14 5.78 5.42 2.22
C VAL A 14 4.31 5.40 1.87
N LEU A 15 3.56 4.43 2.40
CA LEU A 15 2.15 4.37 2.11
C LEU A 15 1.26 5.16 3.05
N GLY A 16 1.69 5.30 4.30
CA GLY A 16 0.93 6.09 5.24
C GLY A 16 0.79 7.54 4.83
N SER A 17 1.89 8.13 4.37
CA SER A 17 1.85 9.52 3.93
C SER A 17 0.98 9.67 2.67
N GLN A 18 1.12 8.77 1.70
CA GLN A 18 0.29 8.83 0.48
C GLN A 18 -1.19 8.66 0.80
N ILE A 19 -1.51 7.70 1.67
CA ILE A 19 -2.89 7.51 2.06
C ILE A 19 -3.44 8.77 2.72
N ALA A 20 -2.73 9.27 3.74
CA ALA A 20 -3.15 10.46 4.47
C ALA A 20 -3.35 11.62 3.52
N PHE A 21 -2.41 11.80 2.59
CA PHE A 21 -2.44 12.99 1.76
C PHE A 21 -3.58 12.97 0.74
N GLN A 22 -3.78 11.83 0.09
CA GLN A 22 -4.88 11.65 -0.84
C GLN A 22 -6.21 11.91 -0.11
N THR A 23 -6.29 11.45 1.13
CA THR A 23 -7.52 11.59 1.91
C THR A 23 -7.77 13.04 2.28
N ALA A 24 -6.70 13.74 2.67
CA ALA A 24 -6.79 15.19 2.95
C ALA A 24 -7.12 15.94 1.68
N PHE A 25 -6.54 15.51 0.57
CA PHE A 25 -6.76 16.18 -0.71
C PHE A 25 -8.23 16.11 -1.12
N HIS A 26 -8.92 15.07 -0.67
CA HIS A 26 -10.33 14.92 -0.98
C HIS A 26 -11.27 15.39 0.12
N GLY A 27 -10.77 16.26 0.98
CA GLY A 27 -11.67 16.99 1.87
C GLY A 27 -12.00 16.34 3.19
N PHE A 28 -11.38 15.20 3.51
CA PHE A 28 -11.57 14.65 4.84
C PHE A 28 -10.69 15.38 5.87
N ALA A 29 -11.07 15.26 7.13
CA ALA A 29 -10.27 15.85 8.21
C ALA A 29 -9.25 14.82 8.67
N VAL A 30 -7.98 15.04 8.35
CA VAL A 30 -6.97 14.00 8.54
C VAL A 30 -6.01 14.28 9.70
N THR A 31 -5.78 13.26 10.51
CA THR A 31 -4.74 13.30 11.52
C THR A 31 -3.71 12.22 11.17
N ALA A 32 -2.45 12.62 11.05
CA ALA A 32 -1.37 11.67 10.81
C ALA A 32 -0.72 11.31 12.14
N TYR A 33 -0.72 10.03 12.47
CA TYR A 33 -0.11 9.57 13.72
C TYR A 33 1.21 8.86 13.49
N ASP A 34 2.19 9.18 14.33
CA ASP A 34 3.47 8.47 14.29
C ASP A 34 4.09 8.51 15.69
N ILE A 35 5.22 7.84 15.87
CA ILE A 35 5.69 7.52 17.23
C ILE A 35 6.27 8.68 18.04
N ASN A 36 6.93 9.64 17.40
CA ASN A 36 7.48 10.75 18.15
C ASN A 36 7.61 11.97 17.25
N THR A 37 8.11 13.07 17.82
CA THR A 37 8.16 14.33 17.07
C THR A 37 9.13 14.28 15.90
N ASP A 38 10.16 13.45 16.01
CA ASP A 38 11.08 13.29 14.89
C ASP A 38 10.43 12.55 13.74
N ALA A 39 9.58 11.56 14.05
CA ALA A 39 8.86 10.86 12.98
C ALA A 39 7.85 11.82 12.34
N LEU A 40 7.27 12.70 13.16
CA LEU A 40 6.30 13.67 12.68
C LEU A 40 6.97 14.71 11.80
N ASP A 41 8.16 15.16 12.19
CA ASP A 41 8.91 16.06 11.34
C ASP A 41 9.14 15.44 9.98
N ALA A 42 9.52 14.16 9.96
CA ALA A 42 9.79 13.49 8.69
C ALA A 42 8.50 13.31 7.90
N ALA A 43 7.39 13.06 8.61
CA ALA A 43 6.09 13.00 7.95
C ALA A 43 5.80 14.31 7.23
N LYS A 44 6.03 15.43 7.90
CA LYS A 44 5.75 16.71 7.29
C LYS A 44 6.54 16.87 5.99
N LYS A 45 7.81 16.47 6.01
CA LYS A 45 8.64 16.51 4.80
C LYS A 45 8.03 15.69 3.67
N ARG A 46 7.56 14.48 3.97
CA ARG A 46 6.90 13.69 2.93
C ARG A 46 5.67 14.40 2.40
N PHE A 47 4.85 14.94 3.31
CA PHE A 47 3.62 15.61 2.89
C PHE A 47 3.94 16.77 1.96
N GLU A 48 5.03 17.50 2.25
CA GLU A 48 5.43 18.58 1.39
C GLU A 48 5.93 18.05 0.04
N GLY A 49 6.63 16.92 0.06
CA GLY A 49 6.96 16.25 -1.19
C GLY A 49 5.74 15.88 -2.02
N LEU A 50 4.77 15.19 -1.40
CA LEU A 50 3.53 14.82 -2.05
C LEU A 50 2.77 16.03 -2.61
N ALA A 51 2.70 17.10 -1.81
CA ALA A 51 2.02 18.31 -2.26
C ALA A 51 2.63 18.78 -3.58
N ALA A 52 3.96 18.78 -3.67
CA ALA A 52 4.62 19.20 -4.91
C ALA A 52 4.22 18.27 -6.05
N VAL A 53 4.30 16.95 -5.81
CA VAL A 53 3.90 15.97 -6.80
C VAL A 53 2.47 16.21 -7.28
N TYR A 54 1.54 16.38 -6.35
CA TYR A 54 0.14 16.61 -6.71
C TYR A 54 -0.03 17.85 -7.61
N GLU A 55 0.62 18.96 -7.27
CA GLU A 55 0.38 20.13 -8.09
C GLU A 55 0.85 19.93 -9.54
N LYS A 56 1.81 19.04 -9.78
CA LYS A 56 2.24 18.77 -11.15
C LYS A 56 1.49 17.60 -11.80
N GLU A 57 1.02 16.65 -11.00
CA GLU A 57 0.51 15.39 -11.55
C GLU A 57 -1.00 15.19 -11.38
N VAL A 58 -1.61 15.80 -10.37
CA VAL A 58 -2.98 15.42 -10.02
C VAL A 58 -4.04 16.46 -10.36
N ALA A 59 -5.09 16.01 -11.05
CA ALA A 59 -6.18 16.91 -11.43
C ALA A 59 -6.70 17.67 -10.21
N GLY A 60 -6.84 18.99 -10.37
CA GLY A 60 -7.44 19.80 -9.32
C GLY A 60 -6.52 20.23 -8.21
N ALA A 61 -5.24 19.88 -8.32
CA ALA A 61 -4.30 20.15 -7.22
C ALA A 61 -3.55 21.46 -7.41
N ALA A 62 -3.66 22.04 -8.59
CA ALA A 62 -2.93 23.26 -8.90
C ALA A 62 -3.46 24.49 -8.14
N ASP A 63 -2.68 25.57 -8.23
CA ASP A 63 -3.11 26.87 -7.74
C ASP A 63 -3.44 26.82 -6.25
N GLY A 64 -2.58 26.18 -5.46
CA GLY A 64 -2.76 26.22 -4.02
C GLY A 64 -3.64 25.13 -3.43
N ALA A 65 -4.33 24.36 -4.26
CA ALA A 65 -5.21 23.33 -3.72
C ALA A 65 -4.44 22.23 -2.96
N ALA A 66 -3.28 21.82 -3.47
CA ALA A 66 -2.47 20.82 -2.79
C ALA A 66 -1.86 21.39 -1.50
N GLN A 67 -1.43 22.65 -1.54
CA GLN A 67 -0.92 23.28 -0.32
C GLN A 67 -1.98 23.42 0.76
N LYS A 68 -3.22 23.68 0.34
CA LYS A 68 -4.28 23.83 1.32
C LYS A 68 -4.54 22.50 2.00
N ALA A 69 -4.50 21.41 1.23
CA ALA A 69 -4.67 20.09 1.81
C ALA A 69 -3.54 19.81 2.80
N LEU A 70 -2.31 20.15 2.40
CA LEU A 70 -1.15 19.99 3.26
C LEU A 70 -1.36 20.73 4.58
N GLY A 71 -1.67 22.02 4.47
CA GLY A 71 -1.85 22.84 5.67
C GLY A 71 -2.93 22.38 6.63
N GLY A 72 -3.90 21.62 6.13
CA GLY A 72 -5.00 21.21 6.97
C GLY A 72 -4.79 19.94 7.78
N ILE A 73 -3.68 19.24 7.53
CA ILE A 73 -3.41 17.96 8.19
C ILE A 73 -2.96 18.15 9.64
N ARG A 74 -3.45 17.32 10.55
CA ARG A 74 -2.97 17.41 11.92
C ARG A 74 -2.00 16.27 12.22
N TYR A 75 -0.99 16.58 13.03
CA TYR A 75 0.02 15.61 13.42
C TYR A 75 -0.18 15.27 14.89
N SER A 76 0.03 14.00 15.24
CA SER A 76 -0.10 13.57 16.64
C SER A 76 0.82 12.40 16.91
N ASP A 77 1.44 12.40 18.11
CA ASP A 77 2.22 11.24 18.54
C ASP A 77 1.66 10.67 19.82
N ASP A 78 0.39 10.96 20.05
CA ASP A 78 -0.35 10.44 21.21
C ASP A 78 -1.58 9.75 20.65
N LEU A 79 -1.52 8.42 20.60
CA LEU A 79 -2.54 7.62 19.93
C LEU A 79 -3.94 7.91 20.46
N ALA A 80 -4.05 8.09 21.78
CA ALA A 80 -5.34 8.38 22.40
C ALA A 80 -5.93 9.65 21.81
N GLN A 81 -5.15 10.73 21.80
CA GLN A 81 -5.58 11.99 21.20
C GLN A 81 -5.80 11.87 19.69
N ALA A 82 -5.00 11.02 19.05
CA ALA A 82 -5.02 10.90 17.59
C ALA A 82 -6.34 10.30 17.07
N VAL A 83 -6.94 9.40 17.84
CA VAL A 83 -8.13 8.70 17.38
C VAL A 83 -9.38 9.06 18.17
N LYS A 84 -9.29 10.11 18.99
CA LYS A 84 -10.37 10.45 19.92
C LYS A 84 -11.71 10.73 19.25
N ASP A 85 -11.70 11.35 18.07
CA ASP A 85 -12.95 11.60 17.38
C ASP A 85 -12.94 10.95 15.97
N ALA A 86 -12.15 9.89 15.82
CA ALA A 86 -11.95 9.24 14.54
C ALA A 86 -13.16 8.43 14.07
N ASP A 87 -13.58 8.68 12.84
CA ASP A 87 -14.60 7.87 12.16
C ASP A 87 -13.94 6.65 11.53
N LEU A 88 -12.74 6.85 11.00
CA LEU A 88 -12.00 5.77 10.34
C LEU A 88 -10.53 5.85 10.71
N VAL A 89 -9.94 4.70 11.00
CA VAL A 89 -8.51 4.64 11.20
C VAL A 89 -7.88 3.74 10.16
N ILE A 90 -6.89 4.27 9.45
CA ILE A 90 -6.17 3.49 8.46
C ILE A 90 -4.79 3.22 9.00
N GLU A 91 -4.48 1.94 9.12
CA GLU A 91 -3.26 1.49 9.75
C GLU A 91 -2.23 1.09 8.70
N ALA A 92 -1.13 1.81 8.67
CA ALA A 92 -0.01 1.50 7.79
C ALA A 92 1.27 1.53 8.62
N VAL A 93 1.29 0.75 9.70
CA VAL A 93 2.50 0.61 10.50
C VAL A 93 3.38 -0.45 9.83
N PRO A 94 4.66 -0.57 10.25
CA PRO A 94 5.56 -1.55 9.64
C PRO A 94 4.97 -2.94 9.56
N GLU A 95 5.41 -3.70 8.57
CA GLU A 95 4.87 -5.04 8.36
C GLU A 95 5.54 -5.97 9.37
N SER A 96 4.92 -6.05 10.56
CA SER A 96 5.47 -6.76 11.71
C SER A 96 4.33 -7.24 12.60
N LEU A 97 4.13 -8.55 12.66
CA LEU A 97 3.03 -9.13 13.45
C LEU A 97 3.01 -8.58 14.87
N ASP A 98 4.19 -8.45 15.47
CA ASP A 98 4.30 -8.03 16.86
C ASP A 98 3.91 -6.55 16.99
N LEU A 99 4.40 -5.75 16.04
CA LEU A 99 4.21 -4.32 16.10
C LEU A 99 2.75 -3.93 15.79
N LYS A 100 2.08 -4.71 14.94
CA LYS A 100 0.66 -4.49 14.63
C LYS A 100 -0.23 -5.02 15.74
N ARG A 101 0.22 -6.08 16.40
CA ARG A 101 -0.50 -6.67 17.52
C ARG A 101 -0.59 -5.62 18.62
N ASP A 102 0.57 -5.06 18.96
CA ASP A 102 0.70 -4.00 19.94
C ASP A 102 -0.28 -2.86 19.60
N ILE A 103 -0.17 -2.36 18.37
CA ILE A 103 -1.03 -1.29 17.86
C ILE A 103 -2.52 -1.53 18.06
N TYR A 104 -3.04 -2.64 17.57
CA TYR A 104 -4.48 -2.89 17.59
C TYR A 104 -5.09 -3.05 18.98
N THR A 105 -4.39 -3.73 19.88
CA THR A 105 -4.91 -3.89 21.23
C THR A 105 -5.13 -2.51 21.87
N LYS A 106 -4.13 -1.64 21.78
CA LYS A 106 -4.24 -0.27 22.29
C LYS A 106 -5.34 0.49 21.56
N LEU A 107 -5.38 0.35 20.24
CA LEU A 107 -6.33 1.08 19.42
C LEU A 107 -7.75 0.65 19.74
N GLY A 108 -7.94 -0.65 19.93
CA GLY A 108 -9.24 -1.15 20.32
C GLY A 108 -9.76 -0.50 21.59
N GLU A 109 -8.84 -0.25 22.53
CA GLU A 109 -9.18 0.37 23.81
C GLU A 109 -9.39 1.87 23.71
N LEU A 110 -8.56 2.54 22.90
CA LEU A 110 -8.55 4.01 22.87
C LEU A 110 -9.55 4.63 21.91
N ALA A 111 -9.90 3.92 20.85
CA ALA A 111 -10.78 4.51 19.84
C ALA A 111 -12.25 4.39 20.23
N PRO A 112 -13.02 5.46 20.03
CA PRO A 112 -14.43 5.38 20.37
C PRO A 112 -15.14 4.24 19.64
N ALA A 113 -16.28 3.82 20.16
CA ALA A 113 -17.00 2.67 19.65
C ALA A 113 -17.28 2.72 18.15
N LYS A 114 -17.56 3.92 17.65
CA LYS A 114 -17.95 4.12 16.25
C LYS A 114 -16.84 3.77 15.25
N THR A 115 -15.59 3.95 15.67
CA THR A 115 -14.44 3.90 14.78
C THR A 115 -14.28 2.59 14.00
N ILE A 116 -14.22 2.72 12.68
CA ILE A 116 -13.90 1.59 11.81
C ILE A 116 -12.38 1.48 11.69
N PHE A 117 -11.87 0.26 11.73
CA PHE A 117 -10.43 0.02 11.59
C PHE A 117 -10.13 -0.60 10.24
N ALA A 118 -9.08 -0.13 9.58
CA ALA A 118 -8.69 -0.68 8.29
C ALA A 118 -7.18 -0.79 8.20
N THR A 119 -6.71 -2.00 7.93
CA THR A 119 -5.27 -2.26 7.78
C THR A 119 -4.86 -2.19 6.30
N ASN A 120 -3.67 -1.67 6.04
CA ASN A 120 -3.13 -1.55 4.69
C ASN A 120 -2.14 -2.68 4.43
N SER A 121 -2.11 -3.65 5.34
CA SER A 121 -1.10 -4.68 5.32
C SER A 121 -1.04 -5.46 3.99
N SER A 122 0.17 -5.71 3.52
CA SER A 122 0.38 -6.52 2.34
C SER A 122 0.26 -8.00 2.67
N THR A 123 1.08 -8.46 3.62
CA THR A 123 1.23 -9.88 3.89
C THR A 123 0.41 -10.38 5.09
N LEU A 124 0.28 -9.56 6.13
CA LEU A 124 -0.49 -9.95 7.30
C LEU A 124 -1.99 -9.94 7.03
N LEU A 125 -2.61 -11.12 7.13
CA LEU A 125 -4.04 -11.28 6.85
C LEU A 125 -4.88 -10.65 7.96
N PRO A 126 -6.04 -10.07 7.61
CA PRO A 126 -6.90 -9.45 8.63
C PRO A 126 -7.22 -10.42 9.78
N SER A 127 -7.53 -11.66 9.43
CA SER A 127 -7.85 -12.67 10.42
C SER A 127 -6.70 -12.79 11.43
N ASP A 128 -5.47 -12.67 10.94
CA ASP A 128 -4.28 -12.68 11.80
C ASP A 128 -4.29 -11.53 12.81
N LEU A 129 -5.20 -10.58 12.63
CA LEU A 129 -5.19 -9.36 13.42
C LEU A 129 -6.52 -9.12 14.11
N VAL A 130 -7.59 -9.65 13.53
CA VAL A 130 -8.95 -9.37 14.00
C VAL A 130 -9.07 -9.54 15.52
N GLY A 131 -8.33 -10.49 16.06
CA GLY A 131 -8.38 -10.73 17.50
C GLY A 131 -7.99 -9.52 18.33
N TYR A 132 -6.78 -9.05 18.11
CA TYR A 132 -6.21 -7.95 18.88
C TYR A 132 -7.06 -6.67 18.81
N THR A 133 -7.99 -6.60 17.86
CA THR A 133 -8.74 -5.35 17.61
C THR A 133 -9.88 -5.15 18.61
N GLY A 134 -10.62 -6.23 18.86
CA GLY A 134 -11.76 -6.14 19.75
C GLY A 134 -13.00 -5.55 19.12
N ARG A 135 -13.00 -5.40 17.80
CA ARG A 135 -14.19 -4.92 17.11
C ARG A 135 -14.33 -5.51 15.71
N GLY A 136 -14.11 -6.82 15.61
CA GLY A 136 -14.13 -7.53 14.34
C GLY A 136 -15.19 -7.16 13.32
N ASP A 137 -16.32 -6.63 13.77
CA ASP A 137 -17.37 -6.23 12.83
C ASP A 137 -17.00 -4.91 12.17
N LYS A 138 -15.97 -4.26 12.71
CA LYS A 138 -15.50 -2.97 12.20
C LYS A 138 -14.04 -3.04 11.78
N PHE A 139 -13.53 -4.25 11.53
CA PHE A 139 -12.16 -4.40 11.08
C PHE A 139 -12.11 -5.10 9.73
N LEU A 140 -11.39 -4.48 8.80
CA LEU A 140 -11.18 -5.03 7.47
C LEU A 140 -9.87 -4.53 6.89
N ALA A 141 -9.57 -4.95 5.67
CA ALA A 141 -8.39 -4.46 4.96
C ALA A 141 -8.78 -3.49 3.89
N LEU A 142 -8.03 -2.39 3.81
CA LEU A 142 -8.15 -1.42 2.74
C LEU A 142 -6.74 -1.26 2.21
N HIS A 143 -6.46 -1.97 1.11
CA HIS A 143 -5.10 -2.12 0.62
C HIS A 143 -4.83 -1.24 -0.60
N PHE A 144 -3.83 -0.36 -0.47
CA PHE A 144 -3.47 0.60 -1.52
C PHE A 144 -2.25 0.14 -2.30
N ALA A 145 -1.98 0.82 -3.41
CA ALA A 145 -0.80 0.55 -4.20
C ALA A 145 0.12 1.77 -4.16
N ASN A 146 1.43 1.54 -4.19
CA ASN A 146 2.39 2.62 -4.14
C ASN A 146 2.14 3.60 -5.31
N HIS A 147 2.14 4.89 -4.99
CA HIS A 147 1.69 5.95 -5.92
C HIS A 147 0.18 5.89 -6.05
N VAL A 148 -0.50 6.08 -4.93
CA VAL A 148 -1.95 5.94 -4.86
C VAL A 148 -2.66 6.95 -5.77
N TRP A 149 -2.02 8.08 -6.04
CA TRP A 149 -2.65 9.14 -6.83
C TRP A 149 -2.83 8.71 -8.29
N VAL A 150 -2.01 7.79 -8.78
CA VAL A 150 -2.14 7.32 -10.16
C VAL A 150 -2.44 5.81 -10.25
N ASN A 151 -1.86 5.01 -9.36
CA ASN A 151 -2.26 3.61 -9.28
C ASN A 151 -3.36 3.57 -8.21
N ASN A 152 -4.54 4.02 -8.59
CA ASN A 152 -5.57 4.36 -7.60
C ASN A 152 -6.57 3.24 -7.30
N THR A 153 -6.08 2.02 -7.10
CA THR A 153 -6.95 0.94 -6.64
C THR A 153 -6.90 0.86 -5.12
N ALA A 154 -8.01 0.42 -4.53
CA ALA A 154 -8.08 0.16 -3.12
C ALA A 154 -8.82 -1.17 -2.92
N GLU A 155 -8.06 -2.22 -2.66
CA GLU A 155 -8.63 -3.56 -2.43
C GLU A 155 -9.26 -3.67 -1.05
N VAL A 156 -10.56 -3.91 -1.03
CA VAL A 156 -11.35 -4.01 0.20
C VAL A 156 -11.56 -5.48 0.54
N MET A 157 -10.94 -5.94 1.62
CA MET A 157 -10.99 -7.36 1.97
C MET A 157 -11.22 -7.54 3.46
N GLY A 158 -12.41 -8.02 3.83
CA GLY A 158 -12.73 -8.21 5.23
C GLY A 158 -12.57 -9.64 5.76
N THR A 159 -12.95 -9.86 7.01
CA THR A 159 -12.97 -11.20 7.57
C THR A 159 -14.42 -11.69 7.60
N THR A 160 -14.61 -12.98 7.83
CA THR A 160 -15.94 -13.54 7.97
C THR A 160 -16.73 -12.72 9.00
N LYS A 161 -16.01 -12.13 9.95
CA LYS A 161 -16.62 -11.42 11.08
C LYS A 161 -17.05 -10.01 10.69
N THR A 162 -16.45 -9.47 9.62
CA THR A 162 -16.66 -8.08 9.20
C THR A 162 -18.13 -7.76 8.94
N ASP A 163 -18.55 -6.59 9.40
CA ASP A 163 -19.91 -6.12 9.20
C ASP A 163 -20.10 -5.55 7.79
N PRO A 164 -21.00 -6.16 7.00
CA PRO A 164 -21.29 -5.74 5.62
C PRO A 164 -21.63 -4.26 5.43
N GLU A 165 -22.27 -3.63 6.40
CA GLU A 165 -22.61 -2.22 6.26
C GLU A 165 -21.36 -1.35 6.47
N VAL A 166 -20.37 -1.92 7.15
CA VAL A 166 -19.08 -1.25 7.39
C VAL A 166 -18.24 -1.38 6.12
N TYR A 167 -18.20 -2.60 5.59
CA TYR A 167 -17.49 -2.92 4.36
C TYR A 167 -17.96 -1.98 3.25
N GLN A 168 -19.26 -1.81 3.14
CA GLN A 168 -19.81 -0.97 2.09
C GLN A 168 -19.44 0.50 2.30
N GLN A 169 -19.32 0.91 3.55
CA GLN A 169 -19.03 2.31 3.81
C GLN A 169 -17.55 2.60 3.58
N VAL A 170 -16.71 1.60 3.80
CA VAL A 170 -15.30 1.69 3.42
C VAL A 170 -15.20 1.80 1.88
N VAL A 171 -15.93 0.94 1.17
CA VAL A 171 -15.99 0.99 -0.28
C VAL A 171 -16.34 2.39 -0.76
N GLU A 172 -17.33 3.00 -0.13
CA GLU A 172 -17.76 4.32 -0.54
C GLU A 172 -16.74 5.40 -0.16
N PHE A 173 -16.03 5.18 0.95
CA PHE A 173 -14.95 6.08 1.32
C PHE A 173 -13.87 6.03 0.26
N ALA A 174 -13.55 4.81 -0.17
CA ALA A 174 -12.57 4.60 -1.22
C ALA A 174 -12.91 5.41 -2.48
N SER A 175 -14.17 5.39 -2.90
CA SER A 175 -14.61 6.21 -4.03
C SER A 175 -14.47 7.69 -3.73
N ALA A 176 -14.85 8.10 -2.52
CA ALA A 176 -14.76 9.48 -2.08
C ALA A 176 -13.35 10.04 -2.17
N ILE A 177 -12.34 9.21 -1.96
CA ILE A 177 -10.97 9.70 -2.07
C ILE A 177 -10.37 9.34 -3.40
N GLY A 178 -11.23 9.08 -4.38
CA GLY A 178 -10.79 8.94 -5.76
C GLY A 178 -10.15 7.62 -6.11
N MET A 179 -10.44 6.58 -5.34
CA MET A 179 -9.89 5.27 -5.62
C MET A 179 -10.88 4.43 -6.42
N VAL A 180 -10.37 3.42 -7.12
CA VAL A 180 -11.23 2.39 -7.70
C VAL A 180 -11.35 1.25 -6.71
N PRO A 181 -12.52 1.10 -6.06
CA PRO A 181 -12.67 0.01 -5.09
C PRO A 181 -12.58 -1.36 -5.75
N ILE A 182 -11.67 -2.19 -5.27
CA ILE A 182 -11.60 -3.59 -5.70
C ILE A 182 -12.18 -4.42 -4.58
N GLU A 183 -13.40 -4.93 -4.75
CA GLU A 183 -14.12 -5.59 -3.67
C GLU A 183 -13.89 -7.10 -3.61
N LEU A 184 -13.08 -7.55 -2.65
CA LEU A 184 -12.96 -8.99 -2.42
C LEU A 184 -14.08 -9.51 -1.52
N LYS A 185 -14.50 -10.75 -1.75
CA LYS A 185 -15.66 -11.34 -1.07
C LYS A 185 -15.22 -12.19 0.12
N LYS A 186 -14.12 -12.90 -0.06
CA LYS A 186 -13.52 -13.71 0.98
C LYS A 186 -12.07 -13.31 1.11
N GLU A 187 -11.50 -13.54 2.28
CA GLU A 187 -10.11 -13.21 2.51
C GLU A 187 -9.22 -13.98 1.52
N LYS A 188 -8.09 -13.39 1.14
CA LYS A 188 -7.16 -14.02 0.20
C LYS A 188 -5.78 -13.40 0.37
N ALA A 189 -4.76 -14.23 0.53
CA ALA A 189 -3.40 -13.71 0.61
C ALA A 189 -3.03 -13.01 -0.70
N GLY A 190 -2.59 -11.76 -0.59
CA GLY A 190 -2.20 -11.01 -1.77
C GLY A 190 -3.38 -10.38 -2.49
N TYR A 191 -4.55 -10.42 -1.88
CA TYR A 191 -5.75 -9.82 -2.46
C TYR A 191 -5.91 -10.30 -3.90
N VAL A 192 -6.26 -9.38 -4.82
CA VAL A 192 -6.40 -9.74 -6.23
C VAL A 192 -5.13 -9.48 -7.05
N LEU A 193 -4.65 -8.24 -7.04
CA LEU A 193 -3.56 -7.85 -7.94
C LEU A 193 -2.31 -8.71 -7.79
N ASN A 194 -1.81 -8.85 -6.56
CA ASN A 194 -0.59 -9.60 -6.34
C ASN A 194 -0.82 -11.08 -6.66
N SER A 195 -2.04 -11.56 -6.38
CA SER A 195 -2.40 -12.94 -6.70
C SER A 195 -2.25 -13.21 -8.19
N LEU A 196 -2.63 -12.25 -9.03
CA LEU A 196 -2.50 -12.38 -10.50
C LEU A 196 -1.06 -12.20 -10.95
N LEU A 197 -0.39 -11.20 -10.37
CA LEU A 197 0.90 -10.77 -10.88
C LEU A 197 2.06 -11.71 -10.53
N VAL A 198 2.08 -12.20 -9.29
CA VAL A 198 3.21 -13.04 -8.88
C VAL A 198 3.38 -14.27 -9.78
N PRO A 199 2.28 -14.94 -10.15
CA PRO A 199 2.45 -16.10 -11.02
C PRO A 199 3.05 -15.76 -12.39
N LEU A 200 2.66 -14.61 -12.94
CA LEU A 200 3.23 -14.19 -14.21
C LEU A 200 4.73 -13.95 -14.07
N LEU A 201 5.11 -13.23 -13.02
CA LEU A 201 6.52 -12.88 -12.83
C LEU A 201 7.35 -14.13 -12.53
N ASP A 202 6.77 -15.05 -11.77
CA ASP A 202 7.44 -16.33 -11.48
C ASP A 202 7.68 -17.12 -12.75
N ALA A 203 6.66 -17.23 -13.60
CA ALA A 203 6.81 -17.96 -14.85
C ALA A 203 7.90 -17.33 -15.71
N ALA A 204 7.97 -16.01 -15.72
CA ALA A 204 9.02 -15.34 -16.47
C ALA A 204 10.38 -15.65 -15.86
N ALA A 205 10.47 -15.59 -14.52
CA ALA A 205 11.74 -15.85 -13.83
C ALA A 205 12.26 -17.24 -14.18
N GLU A 206 11.38 -18.24 -14.13
CA GLU A 206 11.74 -19.62 -14.47
C GLU A 206 12.31 -19.71 -15.87
N LEU A 207 11.65 -19.09 -16.83
CA LEU A 207 12.16 -19.09 -18.21
C LEU A 207 13.56 -18.53 -18.28
N LEU A 208 13.83 -17.48 -17.50
CA LEU A 208 15.13 -16.84 -17.55
C LEU A 208 16.19 -17.72 -16.90
N VAL A 209 15.92 -18.14 -15.67
CA VAL A 209 16.87 -18.94 -14.90
C VAL A 209 17.24 -20.22 -15.63
N ASP A 210 16.23 -20.94 -16.11
CA ASP A 210 16.46 -22.22 -16.77
C ASP A 210 17.08 -22.06 -18.14
N GLY A 211 17.40 -20.82 -18.49
CA GLY A 211 18.07 -20.56 -19.76
C GLY A 211 17.23 -20.77 -21.00
N ILE A 212 15.90 -20.66 -20.88
CA ILE A 212 15.03 -20.84 -22.04
C ILE A 212 15.04 -19.64 -22.97
N ALA A 213 15.12 -18.43 -22.42
CA ALA A 213 15.12 -17.23 -23.25
C ALA A 213 15.56 -16.01 -22.46
N ASP A 214 16.07 -15.00 -23.15
CA ASP A 214 16.53 -13.78 -22.49
C ASP A 214 15.36 -12.83 -22.18
N PRO A 215 15.57 -11.88 -21.26
CA PRO A 215 14.53 -10.92 -20.85
C PRO A 215 13.77 -10.25 -21.98
N GLU A 216 14.49 -9.72 -22.96
CA GLU A 216 13.91 -9.01 -24.09
C GLU A 216 12.90 -9.90 -24.83
N THR A 217 13.32 -11.12 -25.15
CA THR A 217 12.47 -12.09 -25.80
C THR A 217 11.21 -12.35 -25.00
N ILE A 218 11.37 -12.63 -23.72
CA ILE A 218 10.24 -12.92 -22.86
C ILE A 218 9.30 -11.71 -22.82
N ASP A 219 9.87 -10.51 -22.70
CA ASP A 219 9.06 -9.31 -22.67
C ASP A 219 8.31 -9.06 -23.98
N LYS A 220 8.99 -9.13 -25.11
CA LYS A 220 8.30 -8.86 -26.38
C LYS A 220 7.23 -9.92 -26.64
N THR A 221 7.47 -11.15 -26.19
CA THR A 221 6.47 -12.20 -26.36
C THR A 221 5.20 -11.86 -25.60
N TRP A 222 5.35 -11.29 -24.41
CA TRP A 222 4.18 -10.93 -23.62
C TRP A 222 3.46 -9.72 -24.23
N ARG A 223 4.20 -8.69 -24.60
CA ARG A 223 3.57 -7.49 -25.17
C ARG A 223 2.81 -7.81 -26.45
N ILE A 224 3.45 -8.57 -27.34
CA ILE A 224 2.86 -8.94 -28.61
C ILE A 224 1.69 -9.90 -28.42
N GLY A 225 1.88 -10.89 -27.54
CA GLY A 225 0.88 -11.90 -27.34
C GLY A 225 -0.37 -11.46 -26.59
N THR A 226 -0.23 -10.50 -25.69
CA THR A 226 -1.37 -10.05 -24.91
C THR A 226 -1.72 -8.59 -25.21
N GLY A 227 -0.84 -7.90 -25.91
CA GLY A 227 -1.05 -6.49 -26.13
C GLY A 227 -0.72 -5.63 -24.92
N ALA A 228 -0.13 -6.23 -23.89
CA ALA A 228 0.24 -5.47 -22.70
C ALA A 228 1.34 -4.45 -23.05
N PRO A 229 1.35 -3.30 -22.37
CA PRO A 229 2.35 -2.25 -22.62
C PRO A 229 3.75 -2.61 -22.12
N LYS A 230 3.83 -3.44 -21.07
CA LYS A 230 5.10 -3.83 -20.49
C LYS A 230 5.20 -5.34 -20.19
N GLY A 231 6.37 -5.90 -20.51
CA GLY A 231 6.64 -7.30 -20.26
C GLY A 231 7.04 -7.57 -18.81
N PRO A 232 7.14 -8.84 -18.40
CA PRO A 232 7.51 -9.17 -17.02
C PRO A 232 8.75 -8.47 -16.49
N PHE A 233 9.81 -8.44 -17.27
CA PHE A 233 11.03 -7.87 -16.76
C PHE A 233 11.01 -6.34 -16.67
N GLU A 234 10.28 -5.70 -17.57
CA GLU A 234 10.03 -4.29 -17.40
C GLU A 234 9.27 -4.07 -16.08
N ILE A 235 8.36 -5.00 -15.78
CA ILE A 235 7.61 -4.89 -14.54
C ILE A 235 8.52 -5.12 -13.34
N PHE A 236 9.40 -6.12 -13.42
CA PHE A 236 10.40 -6.29 -12.34
C PHE A 236 11.13 -4.97 -12.05
N ASP A 237 11.59 -4.30 -13.10
CA ASP A 237 12.33 -3.05 -12.91
C ASP A 237 11.48 -1.99 -12.19
N ILE A 238 10.19 -1.97 -12.49
CA ILE A 238 9.26 -1.04 -11.85
C ILE A 238 9.06 -1.41 -10.38
N VAL A 239 8.85 -2.69 -10.12
CA VAL A 239 8.71 -3.19 -8.75
C VAL A 239 9.98 -2.92 -7.95
N GLY A 240 11.13 -3.04 -8.61
CA GLY A 240 12.40 -2.86 -7.93
C GLY A 240 13.02 -4.20 -7.61
N LEU A 241 14.26 -4.40 -8.03
CA LEU A 241 14.84 -5.73 -7.90
C LEU A 241 15.12 -6.12 -6.45
N THR A 242 15.23 -5.14 -5.56
CA THR A 242 15.42 -5.46 -4.17
C THR A 242 14.16 -6.12 -3.62
N THR A 243 13.01 -5.55 -3.94
CA THR A 243 11.74 -6.13 -3.53
C THR A 243 11.58 -7.51 -4.15
N ALA A 244 11.83 -7.61 -5.44
CA ALA A 244 11.68 -8.89 -6.11
C ALA A 244 12.58 -9.95 -5.46
N TYR A 245 13.78 -9.55 -5.06
CA TYR A 245 14.70 -10.47 -4.40
C TYR A 245 14.14 -10.93 -3.05
N ASN A 246 13.69 -9.99 -2.24
CA ASN A 246 13.11 -10.35 -0.95
C ASN A 246 12.03 -11.43 -1.14
N ILE A 247 11.04 -11.15 -1.98
CA ILE A 247 9.95 -12.09 -2.21
C ILE A 247 10.42 -13.42 -2.80
N SER A 248 11.28 -13.37 -3.82
CA SER A 248 11.77 -14.59 -4.45
C SER A 248 12.50 -15.50 -3.47
N SER A 249 13.17 -14.90 -2.49
CA SER A 249 14.05 -15.66 -1.61
C SER A 249 13.29 -16.43 -0.52
N VAL A 250 12.00 -16.15 -0.37
CA VAL A 250 11.22 -16.87 0.65
C VAL A 250 10.11 -17.70 0.02
N SER A 251 10.38 -18.26 -1.16
CA SER A 251 9.41 -19.12 -1.83
C SER A 251 10.05 -20.40 -2.34
N GLY A 252 9.28 -21.19 -3.08
CA GLY A 252 9.76 -22.47 -3.56
C GLY A 252 11.16 -22.49 -4.14
N PRO A 253 11.75 -23.69 -4.31
CA PRO A 253 13.10 -23.82 -4.86
C PRO A 253 13.39 -23.01 -6.13
N LYS A 254 12.46 -23.03 -7.08
CA LYS A 254 12.74 -22.38 -8.36
C LYS A 254 12.88 -20.87 -8.20
N GLN A 255 12.01 -20.26 -7.43
CA GLN A 255 12.12 -18.83 -7.17
C GLN A 255 13.45 -18.50 -6.49
N ARG A 256 13.78 -19.26 -5.43
CA ARG A 256 15.06 -19.03 -4.75
C ARG A 256 16.20 -19.08 -5.75
N GLU A 257 16.06 -19.91 -6.75
CA GLU A 257 17.09 -19.97 -7.78
C GLU A 257 17.13 -18.60 -8.51
N PHE A 258 15.97 -17.96 -8.64
CA PHE A 258 15.88 -16.65 -9.28
C PHE A 258 16.50 -15.59 -8.37
N ALA A 259 16.08 -15.56 -7.11
CA ALA A 259 16.65 -14.62 -6.15
C ALA A 259 18.18 -14.63 -6.19
N ALA A 260 18.79 -15.81 -6.18
CA ALA A 260 20.24 -15.89 -6.27
C ALA A 260 20.70 -15.26 -7.58
N TYR A 261 19.92 -15.49 -8.63
CA TYR A 261 20.21 -14.93 -9.95
C TYR A 261 20.16 -13.39 -9.92
N LEU A 262 19.15 -12.83 -9.28
CA LEU A 262 19.07 -11.37 -9.14
C LEU A 262 20.27 -10.85 -8.37
N LYS A 263 20.58 -11.51 -7.27
CA LYS A 263 21.64 -11.08 -6.36
C LYS A 263 22.94 -11.03 -7.13
N GLU A 264 23.29 -12.15 -7.76
CA GLU A 264 24.56 -12.21 -8.48
C GLU A 264 24.62 -11.24 -9.64
N ASN A 265 23.58 -11.18 -10.47
CA ASN A 265 23.64 -10.41 -11.71
C ASN A 265 23.13 -8.96 -11.65
N TYR A 266 22.39 -8.59 -10.62
CA TYR A 266 21.86 -7.22 -10.57
C TYR A 266 22.11 -6.52 -9.23
N ILE A 267 21.62 -7.12 -8.15
CA ILE A 267 21.77 -6.51 -6.82
C ILE A 267 23.25 -6.21 -6.54
N ASP A 268 24.10 -7.22 -6.68
CA ASP A 268 25.52 -7.07 -6.39
C ASP A 268 26.22 -6.08 -7.30
N LYS A 269 25.60 -5.73 -8.41
CA LYS A 269 26.20 -4.75 -9.32
C LYS A 269 25.54 -3.37 -9.18
N GLY A 270 24.58 -3.24 -8.26
CA GLY A 270 23.90 -1.97 -8.10
C GLY A 270 22.89 -1.63 -9.18
N LYS A 271 22.36 -2.65 -9.85
CA LYS A 271 21.33 -2.45 -10.88
C LYS A 271 20.00 -2.84 -10.27
N LEU A 272 19.36 -1.88 -9.59
CA LEU A 272 18.22 -2.23 -8.76
C LEU A 272 16.90 -1.96 -9.44
N GLY A 273 16.96 -1.50 -10.67
CA GLY A 273 15.73 -1.25 -11.41
C GLY A 273 15.51 0.19 -11.80
N LEU A 274 14.25 0.53 -11.94
CA LEU A 274 13.84 1.80 -12.50
C LEU A 274 14.32 2.98 -11.67
N ALA A 275 14.09 2.89 -10.37
CA ALA A 275 14.31 4.03 -9.49
C ALA A 275 15.78 4.45 -9.50
N THR A 276 16.67 3.48 -9.67
CA THR A 276 18.09 3.79 -9.69
C THR A 276 18.64 3.92 -11.12
N GLY A 277 17.78 3.79 -12.13
CA GLY A 277 18.21 4.05 -13.49
C GLY A 277 18.63 2.84 -14.32
N GLU A 278 18.68 1.66 -13.72
CA GLU A 278 19.02 0.46 -14.47
C GLU A 278 18.71 -0.82 -13.71
N GLY A 279 18.01 -1.73 -14.38
CA GLY A 279 17.81 -3.05 -13.83
C GLY A 279 18.03 -4.08 -14.91
N PHE A 280 16.97 -4.80 -15.27
CA PHE A 280 17.01 -5.59 -16.48
C PHE A 280 17.23 -4.70 -17.69
N TYR A 281 16.74 -3.47 -17.64
CA TYR A 281 16.94 -2.52 -18.73
C TYR A 281 17.66 -1.27 -18.23
N ARG A 282 18.34 -0.58 -19.14
CA ARG A 282 18.96 0.70 -18.81
C ARG A 282 17.98 1.82 -19.17
N TYR A 283 17.81 2.79 -18.27
CA TYR A 283 16.82 3.85 -18.43
C TYR A 283 17.46 5.23 -18.58
#